data_5X5G
#
_entry.id   5X5G
#
_cell.length_a   95.190
_cell.length_b   67.910
_cell.length_c   45.320
_cell.angle_alpha   90.00
_cell.angle_beta   94.60
_cell.angle_gamma   90.00
#
_symmetry.space_group_name_H-M   'C 1 2 1'
#
loop_
_entity.id
_entity.type
_entity.pdbx_description
1 polymer Beta-lactamase
2 non-polymer 'SULFATE ION'
3 non-polymer 'SODIUM ION'
4 non-polymer (2S,5R)-N-(2-aminoethoxy)-1-formyl-5-[(sulfooxy)amino]piperidine-2-carboxamide
5 water water
#
_entity_poly.entity_id   1
_entity_poly.type   'polypeptide(L)'
_entity_poly.pdbx_seq_one_letter_code
;AKGTDSLKNSIEKYLKDKKAKVGVAVLGIEDNFKLNVNEKHHYPMQSTYKFHLALAVLDKLDKENISVDKKLFVKKSDLQ
PNTWSPLKDKYPNGNLELSFSEIIKSTVSHSDNNGCDILFRFVGGTNKVHNFISKLGVKNISIKATEEEMHKAWNVQYTN
WTTPDATVQLLKKFYKNEILSKNSYDFLLNTMIETTTGPKRLKGLLPDGTVVAHKTGSSDTNNKGITAATNDIGIITLPN
GKHFAIAVYVSDSSEKSDVNEKIIAEICKSVWDYLVKDGK
;
_entity_poly.pdbx_strand_id   A
#
loop_
_chem_comp.id
_chem_comp.type
_chem_comp.name
_chem_comp.formula
NA non-polymer 'SODIUM ION' 'Na 1'
OP0 non-polymer (2S,5R)-N-(2-aminoethoxy)-1-formyl-5-[(sulfooxy)amino]piperidine-2-carboxamide 'C9 H18 N4 O7 S'
SO4 non-polymer 'SULFATE ION' 'O4 S -2'
#
# COMPACT_ATOMS: atom_id res chain seq x y z
N GLY A 3 9.24 18.22 -19.49
CA GLY A 3 9.94 16.90 -19.49
C GLY A 3 10.08 16.35 -18.08
N THR A 4 10.44 15.08 -17.98
CA THR A 4 10.57 14.42 -16.69
C THR A 4 11.43 15.20 -15.72
N ASP A 5 12.54 15.74 -16.22
CA ASP A 5 13.49 16.49 -15.41
C ASP A 5 12.82 17.67 -14.72
N SER A 6 12.01 18.39 -15.49
CA SER A 6 11.41 19.62 -14.99
C SER A 6 10.31 19.31 -13.97
N LEU A 7 9.48 18.32 -14.26
CA LEU A 7 8.52 17.81 -13.28
C LEU A 7 9.27 17.47 -11.98
N LYS A 8 10.33 16.69 -12.11
CA LYS A 8 11.17 16.35 -10.95
C LYS A 8 11.69 17.56 -10.15
N ASN A 9 12.20 18.58 -10.84
CA ASN A 9 12.63 19.83 -10.18
C ASN A 9 11.46 20.56 -9.53
N SER A 10 10.28 20.53 -10.15
CA SER A 10 9.10 21.07 -9.52
C SER A 10 8.80 20.37 -8.19
N ILE A 11 8.95 19.05 -8.17
CA ILE A 11 8.61 18.28 -6.98
C ILE A 11 9.58 18.55 -5.86
N GLU A 12 10.87 18.52 -6.19
CA GLU A 12 11.91 18.86 -5.24
C GLU A 12 11.73 20.29 -4.66
N LYS A 13 11.37 21.25 -5.51
CA LYS A 13 11.17 22.63 -5.02
C LYS A 13 9.97 22.68 -4.05
N TYR A 14 8.88 22.00 -4.41
CA TYR A 14 7.72 21.83 -3.52
C TYR A 14 8.13 21.27 -2.14
N LEU A 15 9.04 20.33 -2.12
CA LEU A 15 9.37 19.60 -0.89
C LEU A 15 10.30 20.39 0.00
N LYS A 16 10.91 21.44 -0.56
CA LYS A 16 11.95 22.23 0.12
C LYS A 16 11.57 22.66 1.53
N ASP A 17 10.36 23.15 1.69
CA ASP A 17 9.94 23.66 2.99
C ASP A 17 9.05 22.69 3.76
N LYS A 18 8.99 21.42 3.35
CA LYS A 18 8.23 20.41 4.13
C LYS A 18 9.16 19.63 5.06
N LYS A 19 8.78 19.61 6.34
CA LYS A 19 9.62 19.01 7.38
C LYS A 19 9.38 17.52 7.48
N ALA A 20 9.84 16.81 6.46
CA ALA A 20 9.60 15.38 6.32
C ALA A 20 10.55 14.88 5.24
N LYS A 21 10.72 13.56 5.22
CA LYS A 21 11.59 12.89 4.25
C LYS A 21 10.68 12.12 3.31
N VAL A 22 10.55 12.68 2.11
CA VAL A 22 9.50 12.26 1.20
C VAL A 22 10.07 11.50 0.03
N GLY A 23 9.58 10.27 -0.15
CA GLY A 23 10.06 9.39 -1.19
C GLY A 23 9.00 9.30 -2.23
N VAL A 24 9.36 9.51 -3.51
CA VAL A 24 8.40 9.43 -4.61
C VAL A 24 8.96 8.52 -5.73
N ALA A 25 8.10 7.68 -6.31
CA ALA A 25 8.42 7.03 -7.58
C ALA A 25 7.17 6.94 -8.45
N VAL A 26 7.40 7.05 -9.75
CA VAL A 26 6.35 6.93 -10.73
C VAL A 26 6.94 6.04 -11.80
N LEU A 27 6.12 5.13 -12.30
CA LEU A 27 6.44 4.31 -13.49
C LEU A 27 5.23 4.22 -14.41
N GLY A 28 5.37 4.63 -15.67
CA GLY A 28 4.33 4.37 -16.67
C GLY A 28 4.08 2.85 -16.75
N ILE A 29 2.82 2.42 -16.91
CA ILE A 29 2.56 1.01 -17.16
C ILE A 29 2.78 0.61 -18.61
N GLU A 30 2.16 1.32 -19.53
CA GLU A 30 2.23 0.96 -20.94
C GLU A 30 3.44 1.63 -21.62
N ASP A 31 3.84 2.81 -21.17
CA ASP A 31 4.98 3.53 -21.77
C ASP A 31 6.20 3.60 -20.82
N ASN A 32 7.25 4.36 -21.21
CA ASN A 32 8.56 4.36 -20.49
C ASN A 32 8.81 5.46 -19.45
N PHE A 33 7.77 6.15 -19.08
CA PHE A 33 7.92 7.21 -18.14
C PHE A 33 8.42 6.68 -16.80
N LYS A 34 9.36 7.42 -16.22
CA LYS A 34 9.95 7.02 -14.97
C LYS A 34 10.40 8.26 -14.22
N LEU A 35 10.07 8.31 -12.94
CA LEU A 35 10.50 9.43 -12.11
C LEU A 35 10.70 8.96 -10.68
N ASN A 36 11.86 9.33 -10.12
CA ASN A 36 12.23 8.96 -8.74
C ASN A 36 12.74 10.20 -7.99
N VAL A 37 12.34 10.34 -6.74
CA VAL A 37 12.78 11.45 -5.88
C VAL A 37 13.06 10.85 -4.51
N ASN A 38 14.27 11.11 -4.01
CA ASN A 38 14.73 10.60 -2.70
C ASN A 38 14.55 9.10 -2.54
N GLU A 39 14.79 8.37 -3.61
CA GLU A 39 14.35 6.99 -3.72
C GLU A 39 15.33 5.96 -3.12
N LYS A 40 16.48 6.41 -2.63
CA LYS A 40 17.49 5.50 -2.15
C LYS A 40 17.42 5.32 -0.63
N HIS A 41 16.48 6.00 0.00
CA HIS A 41 16.18 5.75 1.38
C HIS A 41 15.22 4.58 1.60
N HIS A 42 15.19 4.12 2.84
CA HIS A 42 14.32 3.06 3.21
C HIS A 42 13.14 3.61 3.97
N TYR A 43 11.93 3.47 3.42
CA TYR A 43 10.77 4.10 4.03
C TYR A 43 9.93 3.05 4.71
N PRO A 44 9.43 3.35 5.92
CA PRO A 44 8.53 2.41 6.58
C PRO A 44 7.19 2.31 5.78
N MET A 45 6.77 1.08 5.47
CA MET A 45 5.64 0.82 4.58
C MET A 45 4.27 1.05 5.24
N GLN A 46 4.23 0.79 6.56
CA GLN A 46 3.02 0.57 7.35
C GLN A 46 2.01 -0.28 6.58
N SER A 47 0.77 0.17 6.46
CA SER A 47 -0.26 -0.68 5.88
C SER A 47 -0.08 -0.93 4.39
N THR A 48 0.83 -0.22 3.72
CA THR A 48 1.02 -0.47 2.29
C THR A 48 1.40 -1.91 1.99
N TYR A 49 2.00 -2.61 2.94
CA TYR A 49 2.47 -3.93 2.74
C TYR A 49 1.36 -4.95 2.80
N LYS A 50 0.12 -4.52 3.04
CA LYS A 50 -1.05 -5.38 2.86
C LYS A 50 -1.30 -5.68 1.39
N PHE A 51 -0.80 -4.84 0.50
CA PHE A 51 -0.82 -5.13 -0.95
C PHE A 51 0.03 -6.37 -1.23
N HIS A 52 1.26 -6.35 -0.72
CA HIS A 52 2.22 -7.42 -0.90
C HIS A 52 1.68 -8.72 -0.30
N LEU A 53 1.16 -8.64 0.92
CA LEU A 53 0.53 -9.79 1.60
C LEU A 53 -0.59 -10.39 0.73
N ALA A 54 -1.45 -9.52 0.15
CA ALA A 54 -2.58 -9.95 -0.64
C ALA A 54 -2.07 -10.69 -1.88
N LEU A 55 -1.03 -10.17 -2.55
CA LEU A 55 -0.38 -10.88 -3.62
C LEU A 55 0.05 -12.31 -3.19
N ALA A 56 0.73 -12.45 -2.04
CA ALA A 56 1.22 -13.76 -1.60
C ALA A 56 0.07 -14.71 -1.29
N VAL A 57 -0.99 -14.17 -0.70
CA VAL A 57 -2.16 -14.94 -0.32
C VAL A 57 -2.87 -15.46 -1.55
N LEU A 58 -3.12 -14.59 -2.50
CA LEU A 58 -3.88 -14.99 -3.68
C LEU A 58 -3.06 -15.96 -4.53
N ASP A 59 -1.75 -15.76 -4.56
CA ASP A 59 -0.86 -16.68 -5.26
C ASP A 59 -0.95 -18.07 -4.61
N LYS A 60 -0.92 -18.12 -3.30
CA LYS A 60 -1.06 -19.37 -2.58
C LYS A 60 -2.46 -20.00 -2.83
N LEU A 61 -3.53 -19.21 -2.85
CA LEU A 61 -4.83 -19.76 -3.18
C LEU A 61 -4.88 -20.32 -4.62
N ASP A 62 -4.35 -19.54 -5.55
CA ASP A 62 -4.29 -19.90 -6.96
C ASP A 62 -3.56 -21.27 -7.05
N LYS A 63 -2.34 -21.33 -6.55
CA LYS A 63 -1.42 -22.45 -6.83
C LYS A 63 -1.93 -23.74 -6.19
N GLU A 64 -2.46 -23.61 -4.99
CA GLU A 64 -2.98 -24.74 -4.27
C GLU A 64 -4.43 -25.03 -4.58
N ASN A 65 -5.02 -24.29 -5.52
CA ASN A 65 -6.37 -24.54 -5.99
C ASN A 65 -7.45 -24.33 -4.93
N ILE A 66 -7.26 -23.33 -4.08
CA ILE A 66 -8.21 -23.06 -3.00
C ILE A 66 -9.08 -21.87 -3.42
N SER A 67 -10.40 -22.04 -3.41
CA SER A 67 -11.29 -20.99 -3.81
C SER A 67 -11.21 -19.88 -2.76
N VAL A 68 -11.31 -18.63 -3.21
CA VAL A 68 -11.41 -17.49 -2.29
C VAL A 68 -12.70 -17.46 -1.54
N ASP A 69 -13.66 -18.33 -1.89
CA ASP A 69 -14.91 -18.38 -1.12
C ASP A 69 -14.87 -19.34 0.08
N LYS A 70 -13.81 -20.14 0.14
CA LYS A 70 -13.54 -20.96 1.34
C LYS A 70 -13.32 -20.03 2.55
N LYS A 71 -13.64 -20.55 3.73
CA LYS A 71 -13.71 -19.78 4.95
C LYS A 71 -12.71 -20.21 6.00
N LEU A 72 -12.03 -19.22 6.59
CA LEU A 72 -11.27 -19.45 7.81
C LEU A 72 -12.14 -19.30 9.03
N PHE A 73 -11.84 -20.04 10.08
CA PHE A 73 -12.41 -19.77 11.36
C PHE A 73 -11.62 -18.68 12.05
N VAL A 74 -12.30 -17.57 12.32
CA VAL A 74 -11.68 -16.45 12.94
C VAL A 74 -12.05 -16.50 14.38
N LYS A 75 -11.06 -16.85 15.20
CA LYS A 75 -11.23 -16.90 16.65
C LYS A 75 -11.38 -15.49 17.22
N LYS A 76 -12.09 -15.39 18.34
CA LYS A 76 -12.15 -14.18 19.14
C LYS A 76 -10.75 -13.52 19.27
N SER A 77 -9.76 -14.32 19.60
CA SER A 77 -8.41 -13.85 19.84
C SER A 77 -7.67 -13.36 18.59
N ASP A 78 -8.13 -13.75 17.39
CA ASP A 78 -7.60 -13.16 16.15
C ASP A 78 -8.02 -11.71 16.00
N LEU A 79 -9.14 -11.35 16.64
CA LEU A 79 -9.69 -9.99 16.55
C LEU A 79 -9.30 -9.20 17.78
N GLN A 80 -8.10 -8.67 17.76
CA GLN A 80 -7.59 -7.87 18.87
C GLN A 80 -8.29 -6.50 18.91
N PRO A 81 -8.68 -6.05 20.11
CA PRO A 81 -9.30 -4.74 20.32
C PRO A 81 -8.33 -3.58 20.20
N ASN A 82 -7.05 -3.88 20.33
CA ASN A 82 -6.06 -2.87 20.47
C ASN A 82 -5.49 -2.53 19.11
N THR A 83 -6.35 -2.27 18.12
CA THR A 83 -5.89 -1.94 16.77
C THR A 83 -7.04 -1.54 15.79
N TRP A 84 -6.71 -0.77 14.73
CA TRP A 84 -7.69 -0.46 13.71
C TRP A 84 -8.22 -1.73 13.09
N SER A 85 -9.54 -1.93 13.19
CA SER A 85 -10.21 -3.16 12.70
C SER A 85 -11.73 -3.01 12.52
N PRO A 86 -12.13 -2.61 11.33
CA PRO A 86 -13.54 -2.70 10.98
C PRO A 86 -14.08 -4.13 11.11
N LEU A 87 -13.25 -5.18 10.91
CA LEU A 87 -13.77 -6.55 11.13
C LEU A 87 -14.24 -6.73 12.52
N LYS A 88 -13.39 -6.33 13.46
CA LYS A 88 -13.72 -6.52 14.84
C LYS A 88 -15.00 -5.75 15.22
N ASP A 89 -15.17 -4.56 14.71
CA ASP A 89 -16.43 -3.85 15.00
C ASP A 89 -17.64 -4.51 14.37
N LYS A 90 -17.44 -5.14 13.21
CA LYS A 90 -18.53 -5.81 12.50
C LYS A 90 -18.83 -7.13 13.21
N TYR A 91 -17.82 -7.76 13.80
CA TYR A 91 -18.01 -9.06 14.44
C TYR A 91 -17.39 -9.10 15.82
N PRO A 92 -17.99 -8.38 16.80
CA PRO A 92 -17.35 -8.20 18.09
C PRO A 92 -17.15 -9.47 18.88
N ASN A 93 -17.97 -10.47 18.60
CA ASN A 93 -17.85 -11.75 19.27
C ASN A 93 -16.81 -12.66 18.62
N GLY A 94 -16.45 -12.38 17.36
CA GLY A 94 -15.47 -13.22 16.69
C GLY A 94 -16.01 -14.64 16.63
N ASN A 95 -15.13 -15.63 16.64
CA ASN A 95 -15.54 -17.03 16.59
C ASN A 95 -16.57 -17.32 15.48
N LEU A 96 -16.24 -16.93 14.26
CA LEU A 96 -17.07 -17.24 13.13
C LEU A 96 -16.24 -17.54 11.90
N GLU A 97 -16.90 -18.06 10.89
CA GLU A 97 -16.27 -18.44 9.66
C GLU A 97 -16.34 -17.29 8.63
N LEU A 98 -15.20 -16.88 8.10
CA LEU A 98 -15.16 -15.78 7.13
C LEU A 98 -14.39 -16.23 5.92
N SER A 99 -14.82 -15.84 4.73
CA SER A 99 -14.16 -16.23 3.53
C SER A 99 -12.85 -15.47 3.38
N PHE A 100 -11.95 -16.07 2.65
CA PHE A 100 -10.72 -15.36 2.27
C PHE A 100 -11.10 -14.06 1.58
N SER A 101 -12.15 -14.10 0.75
CA SER A 101 -12.56 -12.95 0.00
C SER A 101 -12.93 -11.78 0.95
N GLU A 102 -13.77 -12.05 1.95
CA GLU A 102 -14.21 -11.04 2.87
C GLU A 102 -13.02 -10.50 3.67
N ILE A 103 -12.12 -11.40 4.04
CA ILE A 103 -10.99 -11.02 4.87
C ILE A 103 -10.03 -10.16 4.05
N ILE A 104 -9.73 -10.58 2.82
CA ILE A 104 -8.88 -9.79 1.97
C ILE A 104 -9.47 -8.40 1.70
N LYS A 105 -10.78 -8.30 1.48
CA LYS A 105 -11.40 -7.04 1.11
C LYS A 105 -11.27 -6.07 2.24
N SER A 106 -11.52 -6.55 3.47
CA SER A 106 -11.43 -5.70 4.67
C SER A 106 -9.96 -5.32 4.88
N THR A 107 -9.07 -6.28 4.68
CA THR A 107 -7.63 -6.05 4.86
C THR A 107 -7.09 -4.99 3.89
N VAL A 108 -7.43 -5.11 2.59
CA VAL A 108 -6.88 -4.20 1.60
C VAL A 108 -7.69 -2.89 1.53
N SER A 109 -9.01 -3.00 1.31
CA SER A 109 -9.84 -1.80 1.02
C SER A 109 -10.07 -0.94 2.30
N HIS A 110 -10.21 -1.60 3.43
CA HIS A 110 -10.43 -0.93 4.71
C HIS A 110 -9.26 -1.02 5.73
N SER A 111 -8.12 -1.50 5.25
CA SER A 111 -6.86 -1.58 6.03
C SER A 111 -6.97 -2.33 7.35
N ASP A 112 -7.75 -3.41 7.40
CA ASP A 112 -7.92 -4.08 8.67
C ASP A 112 -6.61 -4.68 9.17
N ASN A 113 -6.24 -4.32 10.41
CA ASN A 113 -5.00 -4.85 11.03
C ASN A 113 -5.10 -6.29 11.47
N ASN A 114 -6.26 -6.67 11.97
CA ASN A 114 -6.51 -8.06 12.30
C ASN A 114 -6.55 -8.96 11.08
N GLY A 115 -7.30 -8.55 10.06
CA GLY A 115 -7.29 -9.29 8.81
C GLY A 115 -5.90 -9.54 8.26
N CYS A 116 -5.08 -8.50 8.32
CA CYS A 116 -3.68 -8.61 7.92
C CYS A 116 -2.97 -9.79 8.62
N ASP A 117 -3.04 -9.81 9.95
CA ASP A 117 -2.35 -10.85 10.70
C ASP A 117 -2.96 -12.22 10.58
N ILE A 118 -4.28 -12.30 10.41
CA ILE A 118 -4.92 -13.56 10.06
C ILE A 118 -4.35 -14.16 8.78
N LEU A 119 -4.19 -13.29 7.78
CA LEU A 119 -3.65 -13.70 6.51
C LEU A 119 -2.14 -14.02 6.55
N PHE A 120 -1.35 -13.26 7.31
CA PHE A 120 0.08 -13.64 7.51
C PHE A 120 0.16 -15.07 8.05
N ARG A 121 -0.66 -15.38 9.04
CA ARG A 121 -0.68 -16.74 9.61
C ARG A 121 -1.12 -17.79 8.61
N PHE A 122 -2.14 -17.49 7.84
CA PHE A 122 -2.58 -18.40 6.81
C PHE A 122 -1.46 -18.69 5.84
N VAL A 123 -0.82 -17.62 5.36
CA VAL A 123 0.14 -17.73 4.27
C VAL A 123 1.46 -18.35 4.76
N GLY A 124 1.71 -18.36 6.07
CA GLY A 124 2.93 -18.95 6.64
C GLY A 124 3.96 -17.99 7.23
N GLY A 125 3.60 -16.72 7.35
CA GLY A 125 4.35 -15.75 8.15
C GLY A 125 5.01 -14.67 7.29
N THR A 126 5.56 -13.65 7.94
CA THR A 126 6.22 -12.56 7.25
C THR A 126 7.33 -13.05 6.29
N ASN A 127 8.12 -14.05 6.69
CA ASN A 127 9.27 -14.45 5.84
C ASN A 127 8.82 -15.11 4.53
N LYS A 128 7.65 -15.74 4.55
CA LYS A 128 7.05 -16.28 3.34
C LYS A 128 6.68 -15.18 2.32
N VAL A 129 6.15 -14.06 2.82
CA VAL A 129 5.75 -12.96 1.95
C VAL A 129 7.00 -12.25 1.46
N HIS A 130 7.94 -11.96 2.39
CA HIS A 130 9.22 -11.40 2.04
C HIS A 130 9.92 -12.15 0.90
N ASN A 131 9.94 -13.47 0.98
CA ASN A 131 10.60 -14.27 -0.05
C ASN A 131 9.86 -14.28 -1.36
N PHE A 132 8.55 -14.42 -1.27
CA PHE A 132 7.67 -14.36 -2.43
C PHE A 132 7.91 -13.12 -3.26
N ILE A 133 7.94 -11.97 -2.60
CA ILE A 133 8.13 -10.66 -3.29
C ILE A 133 9.51 -10.63 -3.90
N SER A 134 10.52 -11.00 -3.08
CA SER A 134 11.86 -11.12 -3.56
C SER A 134 11.97 -11.97 -4.83
N LYS A 135 11.38 -13.16 -4.81
CA LYS A 135 11.48 -14.06 -5.96
C LYS A 135 10.75 -13.58 -7.21
N LEU A 136 9.92 -12.53 -7.07
CA LEU A 136 9.28 -11.93 -8.23
C LEU A 136 10.30 -11.14 -9.04
N GLY A 137 11.46 -10.92 -8.47
CA GLY A 137 12.50 -10.09 -9.10
C GLY A 137 12.45 -8.62 -8.66
N VAL A 138 11.84 -8.33 -7.52
CA VAL A 138 11.84 -6.95 -7.01
C VAL A 138 12.67 -6.86 -5.76
N LYS A 139 13.81 -6.19 -5.88
CA LYS A 139 14.73 -5.95 -4.77
C LYS A 139 14.23 -4.78 -3.92
N ASN A 140 14.78 -4.63 -2.73
CA ASN A 140 14.62 -3.43 -1.87
C ASN A 140 13.25 -3.27 -1.23
N ILE A 141 12.69 -4.42 -0.85
CA ILE A 141 11.53 -4.55 0.01
C ILE A 141 11.83 -5.55 1.14
N SER A 142 11.57 -5.12 2.38
CA SER A 142 11.81 -5.95 3.56
C SER A 142 10.51 -6.12 4.30
N ILE A 143 10.05 -7.37 4.44
CA ILE A 143 8.81 -7.64 5.17
C ILE A 143 9.19 -8.53 6.34
N LYS A 144 9.15 -7.94 7.54
CA LYS A 144 9.67 -8.58 8.72
C LYS A 144 8.71 -8.70 9.89
N ALA A 145 7.65 -7.92 9.91
CA ALA A 145 6.87 -7.78 11.15
C ALA A 145 5.37 -7.70 10.85
N THR A 146 4.59 -8.42 11.67
CA THR A 146 3.13 -8.42 11.59
C THR A 146 2.63 -7.13 12.18
N GLU A 147 1.34 -6.86 12.01
CA GLU A 147 0.77 -5.70 12.64
C GLU A 147 0.90 -5.81 14.17
N GLU A 148 0.64 -6.95 14.75
CA GLU A 148 0.79 -7.09 16.18
C GLU A 148 2.23 -6.77 16.65
N GLU A 149 3.22 -7.25 15.92
CA GLU A 149 4.62 -6.95 16.21
C GLU A 149 4.96 -5.48 16.15
N MET A 150 4.43 -4.78 15.14
CA MET A 150 4.65 -3.38 15.00
C MET A 150 4.01 -2.58 16.14
N HIS A 151 2.85 -3.05 16.63
CA HIS A 151 2.16 -2.32 17.69
C HIS A 151 2.88 -2.40 19.04
N LYS A 152 3.83 -3.31 19.18
CA LYS A 152 4.52 -3.47 20.47
C LYS A 152 5.60 -2.43 20.78
N ALA A 153 6.14 -1.81 19.72
CA ALA A 153 7.34 -0.99 19.81
C ALA A 153 7.53 -0.12 18.54
N TRP A 154 7.86 1.13 18.80
CA TRP A 154 7.94 2.17 17.80
C TRP A 154 8.84 1.78 16.64
N ASN A 155 10.00 1.19 16.90
CA ASN A 155 11.01 1.14 15.85
C ASN A 155 10.73 -0.04 14.94
N VAL A 156 9.78 -0.90 15.33
CA VAL A 156 9.59 -2.13 14.60
C VAL A 156 9.11 -1.85 13.18
N GLN A 157 8.38 -0.75 13.01
CA GLN A 157 7.84 -0.35 11.69
C GLN A 157 8.93 -0.15 10.66
N TYR A 158 10.12 0.28 11.11
CA TYR A 158 11.23 0.55 10.19
C TYR A 158 11.83 -0.75 9.63
N THR A 159 11.47 -1.92 10.18
CA THR A 159 11.94 -3.20 9.61
C THR A 159 11.11 -3.68 8.44
N ASN A 160 9.89 -3.18 8.34
CA ASN A 160 9.04 -3.31 7.14
C ASN A 160 9.23 -2.14 6.20
N TRP A 161 10.30 -2.14 5.40
CA TRP A 161 10.74 -0.94 4.67
C TRP A 161 10.78 -1.22 3.18
N THR A 162 10.85 -0.14 2.42
CA THR A 162 10.89 -0.25 0.96
C THR A 162 11.57 0.97 0.39
N THR A 163 12.11 0.83 -0.82
CA THR A 163 12.36 1.98 -1.64
C THR A 163 11.13 2.26 -2.46
N PRO A 164 10.93 3.53 -2.85
CA PRO A 164 9.68 3.83 -3.57
C PRO A 164 9.68 3.26 -4.97
N ASP A 165 10.84 3.18 -5.61
CA ASP A 165 10.94 2.57 -6.93
C ASP A 165 10.72 1.05 -6.93
N ALA A 166 11.04 0.34 -5.85
CA ALA A 166 10.66 -1.08 -5.75
C ALA A 166 9.10 -1.22 -5.74
N THR A 167 8.43 -0.32 -5.06
CA THR A 167 6.95 -0.34 -4.99
C THR A 167 6.32 -0.21 -6.34
N VAL A 168 6.77 0.75 -7.15
CA VAL A 168 6.15 0.94 -8.49
C VAL A 168 6.58 -0.14 -9.49
N GLN A 169 7.78 -0.69 -9.33
CA GLN A 169 8.18 -1.89 -10.10
C GLN A 169 7.24 -3.05 -9.82
N LEU A 170 6.95 -3.25 -8.55
CA LEU A 170 5.98 -4.29 -8.09
C LEU A 170 4.55 -4.07 -8.57
N LEU A 171 4.06 -2.82 -8.48
CA LEU A 171 2.73 -2.46 -8.97
C LEU A 171 2.59 -2.68 -10.48
N LYS A 172 3.65 -2.40 -11.25
CA LYS A 172 3.66 -2.55 -12.68
C LYS A 172 3.60 -4.03 -13.10
N LYS A 173 4.36 -4.85 -12.40
CA LYS A 173 4.32 -6.29 -12.58
C LYS A 173 2.95 -6.85 -12.31
N PHE A 174 2.36 -6.40 -11.22
CA PHE A 174 1.00 -6.74 -10.85
C PHE A 174 0.05 -6.37 -11.97
N TYR A 175 0.14 -5.12 -12.40
CA TYR A 175 -0.84 -4.57 -13.33
C TYR A 175 -0.81 -5.21 -14.69
N LYS A 176 0.39 -5.51 -15.18
CA LYS A 176 0.57 -6.13 -16.45
C LYS A 176 0.31 -7.64 -16.34
N ASN A 177 -0.53 -8.01 -15.35
CA ASN A 177 -0.74 -9.40 -14.91
C ASN A 177 0.41 -10.38 -15.11
N GLU A 178 1.61 -10.00 -14.65
CA GLU A 178 2.76 -10.89 -14.54
C GLU A 178 2.85 -11.68 -13.21
N ILE A 179 1.93 -11.47 -12.27
CA ILE A 179 2.03 -12.10 -10.92
C ILE A 179 0.94 -13.18 -10.66
N LEU A 180 -0.32 -12.90 -10.97
CA LEU A 180 -1.41 -13.72 -10.48
C LEU A 180 -2.17 -14.42 -11.62
N SER A 181 -3.08 -15.31 -11.29
CA SER A 181 -4.09 -15.75 -12.29
C SER A 181 -4.94 -14.56 -12.71
N LYS A 182 -5.62 -14.69 -13.85
CA LYS A 182 -6.63 -13.71 -14.24
C LYS A 182 -7.64 -13.39 -13.13
N ASN A 183 -8.23 -14.44 -12.58
CA ASN A 183 -9.30 -14.31 -11.61
C ASN A 183 -8.87 -13.47 -10.36
N SER A 184 -7.70 -13.81 -9.85
CA SER A 184 -7.15 -13.25 -8.59
C SER A 184 -6.65 -11.82 -8.83
N TYR A 185 -6.01 -11.61 -9.99
CA TYR A 185 -5.74 -10.28 -10.51
C TYR A 185 -6.96 -9.38 -10.50
N ASP A 186 -8.05 -9.77 -11.17
CA ASP A 186 -9.21 -8.91 -11.22
C ASP A 186 -9.71 -8.64 -9.82
N PHE A 187 -9.80 -9.68 -9.03
CA PHE A 187 -10.27 -9.52 -7.66
C PHE A 187 -9.39 -8.50 -6.86
N LEU A 188 -8.08 -8.65 -6.88
CA LEU A 188 -7.23 -7.71 -6.12
C LEU A 188 -7.38 -6.29 -6.71
N LEU A 189 -7.42 -6.20 -8.04
CA LEU A 189 -7.54 -4.88 -8.67
C LEU A 189 -8.81 -4.19 -8.26
N ASN A 190 -9.93 -4.89 -8.32
CA ASN A 190 -11.21 -4.31 -7.90
C ASN A 190 -11.08 -3.84 -6.46
N THR A 191 -10.53 -4.71 -5.64
CA THR A 191 -10.43 -4.45 -4.20
C THR A 191 -9.64 -3.12 -3.96
N MET A 192 -8.57 -2.92 -4.72
CA MET A 192 -7.76 -1.71 -4.62
C MET A 192 -8.44 -0.42 -5.09
N ILE A 193 -9.36 -0.57 -6.05
CA ILE A 193 -10.17 0.54 -6.52
C ILE A 193 -11.23 0.87 -5.49
N GLU A 194 -11.73 -0.17 -4.83
CA GLU A 194 -12.79 -0.04 -3.85
C GLU A 194 -12.26 0.47 -2.52
N THR A 195 -10.94 0.60 -2.41
CA THR A 195 -10.33 1.18 -1.23
C THR A 195 -11.02 2.47 -0.82
N THR A 196 -11.34 2.56 0.46
CA THR A 196 -12.02 3.75 1.00
C THR A 196 -11.14 4.68 1.83
N THR A 197 -10.01 4.15 2.29
CA THR A 197 -9.07 4.94 3.09
C THR A 197 -8.36 5.97 2.23
N GLY A 198 -7.81 6.98 2.92
CA GLY A 198 -7.06 8.05 2.32
C GLY A 198 -7.58 8.72 1.09
N PRO A 199 -8.84 9.13 1.12
CA PRO A 199 -9.43 9.80 -0.05
C PRO A 199 -8.79 11.15 -0.41
N LYS A 200 -8.05 11.76 0.50
CA LYS A 200 -7.36 13.00 0.19
C LYS A 200 -5.85 12.78 0.06
N ARG A 201 -5.43 11.55 -0.25
CA ARG A 201 -4.03 11.29 -0.54
C ARG A 201 -3.81 11.29 -2.04
N LEU A 202 -3.39 10.18 -2.64
CA LEU A 202 -3.23 10.18 -4.12
C LEU A 202 -4.45 10.77 -4.88
N LYS A 203 -5.66 10.42 -4.43
CA LYS A 203 -6.87 10.80 -5.10
C LYS A 203 -7.22 12.26 -4.85
N GLY A 204 -6.60 12.89 -3.85
CA GLY A 204 -7.13 14.09 -3.24
C GLY A 204 -7.40 15.28 -4.14
N LEU A 205 -6.56 15.52 -5.14
CA LEU A 205 -6.75 16.66 -6.03
C LEU A 205 -6.94 16.26 -7.48
N LEU A 206 -7.16 14.98 -7.78
CA LEU A 206 -7.40 14.56 -9.15
C LEU A 206 -8.87 14.80 -9.53
N PRO A 207 -9.21 14.87 -10.83
CA PRO A 207 -10.64 15.05 -11.13
C PRO A 207 -11.52 13.99 -10.46
N ASP A 208 -12.75 14.37 -10.16
CA ASP A 208 -13.74 13.47 -9.59
C ASP A 208 -13.90 12.28 -10.52
N GLY A 209 -13.86 11.07 -9.97
CA GLY A 209 -14.10 9.87 -10.74
C GLY A 209 -12.86 9.24 -11.34
N THR A 210 -11.70 9.86 -11.14
CA THR A 210 -10.46 9.26 -11.62
C THR A 210 -10.30 7.87 -10.95
N VAL A 211 -10.02 6.83 -11.73
CA VAL A 211 -9.77 5.51 -11.17
C VAL A 211 -8.37 5.47 -10.53
N VAL A 212 -8.36 5.20 -9.23
CA VAL A 212 -7.13 5.04 -8.45
C VAL A 212 -7.21 3.73 -7.67
N ALA A 213 -6.52 2.74 -8.17
CA ALA A 213 -6.43 1.49 -7.45
C ALA A 213 -5.24 1.62 -6.46
N HIS A 214 -5.49 1.67 -5.16
CA HIS A 214 -4.47 2.03 -4.22
C HIS A 214 -4.52 1.38 -2.85
N LYS A 215 -3.46 1.62 -2.08
CA LYS A 215 -3.36 1.16 -0.71
C LYS A 215 -2.60 2.17 0.14
N THR A 216 -3.23 2.57 1.23
CA THR A 216 -2.68 3.55 2.12
C THR A 216 -1.80 2.89 3.17
N GLY A 217 -1.09 3.74 3.90
CA GLY A 217 -0.55 3.33 5.21
C GLY A 217 -0.26 4.56 6.04
N SER A 218 -0.32 4.39 7.37
CA SER A 218 -0.12 5.48 8.31
C SER A 218 0.47 4.90 9.58
N SER A 219 1.38 5.65 10.19
CA SER A 219 1.96 5.37 11.47
C SER A 219 1.32 6.26 12.55
N ASP A 220 1.62 5.94 13.79
CA ASP A 220 1.41 6.86 14.87
C ASP A 220 2.44 8.00 14.85
N THR A 221 2.33 8.87 15.84
CA THR A 221 3.21 9.97 16.09
C THR A 221 3.88 9.70 17.49
N ASN A 222 5.15 10.02 17.63
CA ASN A 222 5.82 9.77 18.88
C ASN A 222 5.81 11.03 19.74
N ASN A 223 6.48 10.99 20.88
CA ASN A 223 6.46 12.10 21.83
C ASN A 223 7.28 13.29 21.33
N LYS A 224 8.10 13.12 20.28
CA LYS A 224 8.81 14.26 19.69
C LYS A 224 8.08 14.93 18.51
N GLY A 225 6.84 14.55 18.25
CA GLY A 225 6.07 15.21 17.18
C GLY A 225 6.31 14.62 15.78
N ILE A 226 6.93 13.45 15.75
CA ILE A 226 7.29 12.82 14.48
C ILE A 226 6.27 11.76 14.08
N THR A 227 5.72 11.91 12.89
CA THR A 227 4.86 10.90 12.33
C THR A 227 5.69 10.06 11.37
N ALA A 228 5.95 8.81 11.73
CA ALA A 228 6.92 8.03 10.98
C ALA A 228 6.51 7.80 9.51
N ALA A 229 5.22 7.69 9.23
CA ALA A 229 4.77 7.28 7.90
C ALA A 229 3.38 7.74 7.59
N THR A 230 3.25 8.39 6.41
CA THR A 230 1.98 8.77 5.81
C THR A 230 2.17 8.51 4.31
N ASN A 231 1.62 7.36 3.83
CA ASN A 231 1.93 6.72 2.55
C ASN A 231 0.66 6.51 1.71
N ASP A 232 0.83 6.47 0.37
CA ASP A 232 -0.18 5.95 -0.52
C ASP A 232 0.50 5.48 -1.79
N ILE A 233 0.07 4.31 -2.25
CA ILE A 233 0.67 3.64 -3.40
C ILE A 233 -0.44 3.12 -4.29
N GLY A 234 -0.26 3.23 -5.59
CA GLY A 234 -1.33 2.79 -6.48
C GLY A 234 -1.09 2.87 -7.96
N ILE A 235 -2.13 2.52 -8.70
CA ILE A 235 -2.12 2.58 -10.18
C ILE A 235 -3.30 3.43 -10.58
N ILE A 236 -3.04 4.45 -11.41
CA ILE A 236 -4.06 5.45 -11.70
C ILE A 236 -4.31 5.43 -13.22
N THR A 237 -5.57 5.59 -13.60
CA THR A 237 -6.01 5.51 -15.00
C THR A 237 -6.14 6.94 -15.54
N LEU A 238 -5.35 7.23 -16.57
CA LEU A 238 -5.36 8.52 -17.25
C LEU A 238 -6.60 8.66 -18.15
N PRO A 239 -6.87 9.88 -18.65
CA PRO A 239 -8.15 9.99 -19.37
C PRO A 239 -8.17 9.22 -20.71
N ASN A 240 -7.02 8.83 -21.23
CA ASN A 240 -6.98 8.04 -22.47
C ASN A 240 -6.81 6.56 -22.24
N GLY A 241 -7.01 6.16 -20.97
CA GLY A 241 -7.07 4.75 -20.63
C GLY A 241 -5.73 4.10 -20.29
N LYS A 242 -4.64 4.84 -20.46
CA LYS A 242 -3.34 4.37 -20.09
C LYS A 242 -3.24 4.49 -18.56
N HIS A 243 -2.11 4.01 -18.02
CA HIS A 243 -1.97 3.90 -16.55
C HIS A 243 -0.59 4.29 -16.08
N PHE A 244 -0.52 4.84 -14.87
CA PHE A 244 0.77 4.96 -14.23
C PHE A 244 0.72 4.42 -12.82
N ALA A 245 1.82 3.80 -12.42
CA ALA A 245 2.02 3.45 -11.02
C ALA A 245 2.70 4.61 -10.29
N ILE A 246 2.25 4.87 -9.05
CA ILE A 246 2.83 5.94 -8.25
C ILE A 246 2.95 5.46 -6.83
N ALA A 247 4.05 5.85 -6.17
CA ALA A 247 4.16 5.62 -4.77
C ALA A 247 4.75 6.83 -4.04
N VAL A 248 4.08 7.27 -2.97
CA VAL A 248 4.59 8.39 -2.17
C VAL A 248 4.67 7.99 -0.70
N TYR A 249 5.83 8.23 -0.13
CA TYR A 249 6.07 7.94 1.29
C TYR A 249 6.48 9.24 1.95
N VAL A 250 5.59 9.77 2.82
CA VAL A 250 5.94 10.95 3.64
C VAL A 250 6.39 10.40 5.00
N SER A 251 7.69 10.36 5.21
CA SER A 251 8.24 9.73 6.38
C SER A 251 8.86 10.73 7.39
N ASP A 252 8.93 10.28 8.64
CA ASP A 252 9.55 11.04 9.72
C ASP A 252 9.22 12.53 9.63
N SER A 253 7.92 12.81 9.66
CA SER A 253 7.46 14.17 9.39
C SER A 253 7.14 14.86 10.72
N SER A 254 7.54 16.12 10.78
CA SER A 254 7.10 17.02 11.85
C SER A 254 5.87 17.74 11.44
N GLU A 255 5.41 17.57 10.22
CA GLU A 255 4.17 18.20 9.82
C GLU A 255 2.93 17.52 10.42
N LYS A 256 1.85 18.27 10.43
CA LYS A 256 0.54 17.74 10.83
C LYS A 256 -0.07 16.93 9.70
N SER A 257 -1.09 16.15 10.04
CA SER A 257 -1.63 15.15 9.14
C SER A 257 -2.24 15.75 7.92
N ASP A 258 -2.93 16.88 8.05
CA ASP A 258 -3.42 17.55 6.85
C ASP A 258 -2.29 17.84 5.84
N VAL A 259 -1.14 18.29 6.31
CA VAL A 259 -0.03 18.69 5.43
C VAL A 259 0.60 17.42 4.83
N ASN A 260 0.68 16.37 5.64
CA ASN A 260 1.26 15.11 5.17
C ASN A 260 0.42 14.55 4.02
N GLU A 261 -0.90 14.59 4.14
CA GLU A 261 -1.76 14.10 3.07
C GLU A 261 -1.71 15.01 1.86
N LYS A 262 -1.70 16.32 2.10
CA LYS A 262 -1.60 17.29 1.01
C LYS A 262 -0.35 17.07 0.15
N ILE A 263 0.77 16.79 0.80
CA ILE A 263 2.03 16.50 0.10
C ILE A 263 1.78 15.41 -0.92
N ILE A 264 1.08 14.35 -0.49
CA ILE A 264 0.81 13.22 -1.38
C ILE A 264 -0.09 13.70 -2.51
N ALA A 265 -1.16 14.40 -2.16
CA ALA A 265 -2.15 14.84 -3.18
C ALA A 265 -1.55 15.79 -4.22
N GLU A 266 -0.74 16.76 -3.75
CA GLU A 266 -0.13 17.77 -4.65
C GLU A 266 0.94 17.16 -5.57
N ILE A 267 1.74 16.28 -5.02
CA ILE A 267 2.72 15.58 -5.84
C ILE A 267 2.04 14.74 -6.88
N CYS A 268 0.99 14.01 -6.47
CA CYS A 268 0.26 13.22 -7.43
C CYS A 268 -0.39 14.10 -8.49
N LYS A 269 -0.99 15.19 -8.07
CA LYS A 269 -1.62 16.15 -9.00
C LYS A 269 -0.61 16.70 -10.02
N SER A 270 0.61 16.99 -9.56
CA SER A 270 1.67 17.44 -10.45
C SER A 270 2.05 16.38 -11.48
N VAL A 271 2.10 15.11 -11.08
CA VAL A 271 2.42 14.02 -12.05
C VAL A 271 1.23 13.82 -13.01
N TRP A 272 0.02 13.90 -12.46
CA TRP A 272 -1.17 13.74 -13.30
C TRP A 272 -1.14 14.83 -14.39
N ASP A 273 -1.00 16.08 -13.96
CA ASP A 273 -1.08 17.17 -14.92
C ASP A 273 -0.04 17.01 -16.03
N TYR A 274 1.16 16.55 -15.68
CA TYR A 274 2.25 16.37 -16.65
C TYR A 274 1.92 15.28 -17.64
N LEU A 275 1.35 14.19 -17.14
CA LEU A 275 1.03 13.07 -18.04
C LEU A 275 -0.22 13.30 -18.90
N VAL A 276 -1.21 14.06 -18.45
CA VAL A 276 -2.36 14.31 -19.31
C VAL A 276 -1.94 15.28 -20.45
N LYS A 277 -1.10 16.25 -20.10
CA LYS A 277 -0.21 17.06 -21.00
C LYS A 277 -0.37 18.54 -20.69
S SO4 B . 17.48 6.16 5.47
O1 SO4 B . 18.00 4.85 5.10
O2 SO4 B . 17.51 6.29 6.96
O3 SO4 B . 18.41 7.05 4.77
O4 SO4 B . 16.11 6.40 5.05
S SO4 C . -7.16 8.98 5.79
O1 SO4 C . -6.20 9.38 4.74
O2 SO4 C . -7.43 7.51 5.68
O3 SO4 C . -6.60 9.40 7.10
O4 SO4 C . -8.45 9.73 5.59
S SO4 D . 12.12 -0.32 19.82
O1 SO4 D . 11.79 -1.47 18.93
O2 SO4 D . 12.06 -0.76 21.26
O3 SO4 D . 13.50 0.12 19.47
O4 SO4 D . 11.14 0.82 19.59
NA NA E . 6.31 0.12 15.05
C1 OP0 F . -2.02 1.02 8.32
O8 OP0 F . -1.13 1.77 7.96
N14 OP0 F . -2.55 1.08 9.45
C2 OP0 F . -2.12 2.00 10.48
C3 OP0 F . -1.81 1.22 11.71
N15 OP0 F . -2.00 1.87 12.85
O9 OP0 F . -1.34 0.08 11.58
C7 OP0 F . -3.77 0.38 9.72
C6 OP0 F . -4.88 1.41 9.67
C5 OP0 F . -4.61 2.44 10.77
C4 OP0 F . -3.22 3.05 10.66
N16 OP0 F . -5.02 1.97 8.29
S17 OP0 F . -4.18 3.52 6.69
O10 OP0 F . -4.43 3.14 8.12
O13 OP0 F . -3.27 4.60 6.49
O12 OP0 F . -5.45 3.99 6.23
O11 OP0 F . -3.65 2.19 5.94
N21 OP0 F . 1.45 0.53 15.40
C22 OP0 F . 0.89 1.40 14.32
C23 OP0 F . -0.47 2.00 14.66
O24 OP0 F . -1.53 1.33 13.98
#